data_4IMR
#
_entry.id   4IMR
#
_cell.length_a   87.919
_cell.length_b   87.919
_cell.length_c   308.309
_cell.angle_alpha   90.00
_cell.angle_beta   90.00
_cell.angle_gamma   120.00
#
_symmetry.space_group_name_H-M   'P 61 2 2'
#
loop_
_entity.id
_entity.type
_entity.pdbx_description
1 polymer '3-oxoacyl-(Acyl-carrier-protein) reductase'
2 non-polymer 'NADP NICOTINAMIDE-ADENINE-DINUCLEOTIDE PHOSPHATE'
3 non-polymer 'UNKNOWN LIGAND'
4 water water
#
_entity_poly.entity_id   1
_entity_poly.type   'polypeptide(L)'
_entity_poly.pdbx_seq_one_letter_code
;MHHHHHHSSGVDLGTENLYFQSMRLETIFGLRGRTALVTGSSRGIGAAIAEGLAGAGAHVILHGVKPGSTAAVQQRIIAS
GGTAQELAGDLSEAGAGTDLIERAEAIAPVDILVINASAQINATLSALTPNDLAFQLAVNLGSTVDMLQSALPKMVARKW
GRVVSIGSINQLRPKSVVTAYAATKAAQHNLIQSQARDFAGDNVLLNTLAPGLVDTDRNADRRAQDPEGWDEYVRTLNWM
GRAGRPEEMVGAALFLASEACSFMTGETIFLTGGY
;
_entity_poly.pdbx_strand_id   A,B
#
loop_
_chem_comp.id
_chem_comp.type
_chem_comp.name
_chem_comp.formula
NAP non-polymer 'NADP NICOTINAMIDE-ADENINE-DINUCLEOTIDE PHOSPHATE' 'C21 H28 N7 O17 P3'
UNL non-polymer 'UNKNOWN LIGAND' ?
#
# COMPACT_ATOMS: atom_id res chain seq x y z
N LEU A 18 22.43 12.40 10.83
CA LEU A 18 22.16 11.78 12.12
C LEU A 18 20.87 12.20 12.88
N TYR A 19 20.15 13.21 12.44
CA TYR A 19 18.93 13.62 13.13
C TYR A 19 17.71 13.53 12.22
N PHE A 20 16.53 13.33 12.76
CA PHE A 20 15.34 13.18 11.92
C PHE A 20 15.50 12.06 10.90
N GLN A 21 15.92 10.89 11.38
CA GLN A 21 16.21 9.74 10.53
C GLN A 21 14.93 8.97 10.26
N SER A 22 14.03 9.06 11.23
CA SER A 22 12.76 8.41 11.23
C SER A 22 12.03 8.63 9.90
N MET A 23 12.19 9.82 9.32
CA MET A 23 11.26 10.25 8.26
C MET A 23 11.84 10.24 6.85
N ARG A 24 13.06 9.76 6.69
CA ARG A 24 13.71 9.71 5.40
C ARG A 24 13.29 8.49 4.51
N LEU A 25 13.28 8.68 3.23
CA LEU A 25 12.93 7.61 2.31
C LEU A 25 13.79 6.35 2.56
N GLU A 26 15.10 6.54 2.77
CA GLU A 26 16.01 5.40 3.00
C GLU A 26 15.71 4.65 4.27
N THR A 27 15.31 5.35 5.31
CA THR A 27 14.90 4.67 6.55
C THR A 27 13.62 3.90 6.33
N ILE A 28 12.68 4.55 5.69
CA ILE A 28 11.33 3.96 5.56
C ILE A 28 11.34 2.76 4.60
N PHE A 29 11.97 2.91 3.43
CA PHE A 29 11.94 1.88 2.38
C PHE A 29 13.28 1.19 2.13
N GLY A 30 14.34 1.60 2.82
CA GLY A 30 15.68 1.09 2.47
C GLY A 30 15.87 -0.39 2.83
N LEU A 31 16.62 -1.10 1.98
CA LEU A 31 16.78 -2.55 2.11
C LEU A 31 18.25 -2.98 2.21
N ARG A 32 19.15 -2.05 2.56
CA ARG A 32 20.57 -2.42 2.61
C ARG A 32 20.66 -3.55 3.59
N GLY A 33 21.44 -4.57 3.28
CA GLY A 33 21.69 -5.64 4.24
C GLY A 33 20.63 -6.74 4.16
N ARG A 34 19.59 -6.54 3.36
CA ARG A 34 18.57 -7.58 3.17
C ARG A 34 18.74 -8.29 1.84
N THR A 35 18.25 -9.53 1.76
CA THR A 35 18.29 -10.30 0.53
C THR A 35 16.87 -10.71 0.11
N ALA A 36 16.58 -10.53 -1.17
CA ALA A 36 15.27 -10.90 -1.73
C ALA A 36 15.41 -11.98 -2.79
N LEU A 37 14.52 -12.97 -2.73
CA LEU A 37 14.37 -13.92 -3.82
C LEU A 37 13.07 -13.54 -4.55
N VAL A 38 13.15 -13.34 -5.86
CA VAL A 38 11.98 -12.97 -6.66
C VAL A 38 11.78 -14.04 -7.74
N THR A 39 10.74 -14.85 -7.61
CA THR A 39 10.50 -15.88 -8.63
C THR A 39 10.03 -15.25 -9.92
N GLY A 40 10.37 -15.89 -11.04
CA GLY A 40 9.94 -15.37 -12.34
C GLY A 40 10.35 -13.92 -12.54
N SER A 41 11.62 -13.61 -12.25
CA SER A 41 12.13 -12.24 -12.39
C SER A 41 12.96 -12.01 -13.64
N SER A 42 12.88 -12.94 -14.59
CA SER A 42 13.61 -12.79 -15.83
C SER A 42 13.00 -11.67 -16.68
N ARG A 43 11.69 -11.41 -16.49
CA ARG A 43 10.98 -10.43 -17.31
C ARG A 43 9.67 -10.01 -16.62
N GLY A 44 8.94 -9.10 -17.25
CA GLY A 44 7.60 -8.66 -16.78
C GLY A 44 7.61 -7.99 -15.41
N ILE A 45 6.59 -8.27 -14.61
CA ILE A 45 6.44 -7.68 -13.27
C ILE A 45 7.58 -8.12 -12.33
N GLY A 46 7.97 -9.38 -12.42
CA GLY A 46 9.03 -9.86 -11.54
C GLY A 46 10.34 -9.14 -11.79
N ALA A 47 10.66 -8.90 -13.06
CA ALA A 47 11.88 -8.17 -13.41
C ALA A 47 11.85 -6.74 -12.86
N ALA A 48 10.71 -6.06 -13.01
CA ALA A 48 10.59 -4.67 -12.55
C ALA A 48 10.75 -4.64 -11.04
N ILE A 49 10.06 -5.55 -10.37
CA ILE A 49 10.14 -5.62 -8.92
C ILE A 49 11.59 -5.92 -8.48
N ALA A 50 12.22 -6.89 -9.12
CA ALA A 50 13.60 -7.23 -8.76
C ALA A 50 14.52 -6.01 -8.85
N GLU A 51 14.36 -5.21 -9.91
CA GLU A 51 15.24 -4.07 -10.09
C GLU A 51 14.95 -3.04 -9.05
N GLY A 52 13.66 -2.81 -8.78
CA GLY A 52 13.27 -1.88 -7.71
C GLY A 52 13.87 -2.28 -6.38
N LEU A 53 13.76 -3.57 -6.02
CA LEU A 53 14.29 -4.02 -4.73
C LEU A 53 15.79 -3.77 -4.66
N ALA A 54 16.47 -4.02 -5.76
CA ALA A 54 17.94 -3.89 -5.76
C ALA A 54 18.24 -2.43 -5.66
N GLY A 55 17.40 -1.62 -6.32
CA GLY A 55 17.51 -0.16 -6.25
C GLY A 55 17.43 0.41 -4.83
N ALA A 56 16.68 -0.26 -3.96
CA ALA A 56 16.53 0.14 -2.56
C ALA A 56 17.63 -0.47 -1.70
N GLY A 57 18.48 -1.27 -2.30
CA GLY A 57 19.64 -1.78 -1.59
C GLY A 57 19.66 -3.28 -1.32
N ALA A 58 18.61 -4.00 -1.68
CA ALA A 58 18.64 -5.46 -1.42
C ALA A 58 19.56 -6.17 -2.39
N HIS A 59 20.19 -7.23 -1.91
CA HIS A 59 20.81 -8.18 -2.80
C HIS A 59 19.69 -9.06 -3.34
N VAL A 60 19.62 -9.23 -4.65
CA VAL A 60 18.47 -9.92 -5.26
C VAL A 60 18.88 -11.26 -5.88
N ILE A 61 18.21 -12.32 -5.46
CA ILE A 61 18.39 -13.61 -6.13
C ILE A 61 17.30 -13.70 -7.18
N LEU A 62 17.72 -13.72 -8.45
CA LEU A 62 16.79 -13.77 -9.55
C LEU A 62 16.47 -15.21 -9.89
N HIS A 63 15.32 -15.43 -10.49
CA HIS A 63 14.90 -16.77 -10.84
C HIS A 63 14.15 -16.78 -12.14
N GLY A 64 14.36 -17.86 -12.88
CA GLY A 64 13.67 -18.12 -14.13
C GLY A 64 13.69 -19.61 -14.37
N VAL A 65 12.97 -20.06 -15.38
CA VAL A 65 12.91 -21.50 -15.65
C VAL A 65 14.27 -22.05 -16.06
N LYS A 66 14.86 -21.55 -17.15
CA LYS A 66 16.13 -22.09 -17.67
C LYS A 66 17.38 -21.29 -17.23
N PRO A 67 18.50 -21.98 -16.98
CA PRO A 67 19.73 -21.25 -16.67
C PRO A 67 19.95 -20.11 -17.67
N GLY A 68 20.36 -18.93 -17.17
CA GLY A 68 20.63 -17.78 -18.04
C GLY A 68 19.45 -16.94 -18.48
N SER A 69 18.22 -17.35 -18.15
CA SER A 69 17.07 -16.53 -18.56
C SER A 69 17.06 -15.16 -17.87
N THR A 70 17.74 -15.02 -16.74
CA THR A 70 17.74 -13.73 -16.01
C THR A 70 18.90 -12.76 -16.35
N ALA A 71 19.69 -13.11 -17.35
CA ALA A 71 20.92 -12.38 -17.63
C ALA A 71 20.72 -10.89 -17.88
N ALA A 72 19.66 -10.52 -18.58
CA ALA A 72 19.50 -9.11 -18.92
C ALA A 72 19.11 -8.29 -17.70
N VAL A 73 18.25 -8.85 -16.85
CA VAL A 73 17.83 -8.17 -15.65
CA VAL A 73 17.83 -8.13 -15.67
C VAL A 73 18.98 -8.05 -14.66
N GLN A 74 19.76 -9.14 -14.54
CA GLN A 74 20.95 -9.10 -13.70
C GLN A 74 21.88 -7.94 -14.08
N GLN A 75 22.12 -7.76 -15.39
CA GLN A 75 23.04 -6.73 -15.85
C GLN A 75 22.45 -5.33 -15.67
N ARG A 76 21.12 -5.19 -15.75
CA ARG A 76 20.53 -3.88 -15.48
C ARG A 76 20.69 -3.57 -14.00
N ILE A 77 20.57 -4.58 -13.16
CA ILE A 77 20.70 -4.35 -11.73
C ILE A 77 22.15 -3.94 -11.40
N ILE A 78 23.11 -4.67 -11.96
CA ILE A 78 24.52 -4.36 -11.76
C ILE A 78 24.87 -2.99 -12.29
N ALA A 79 24.38 -2.65 -13.49
CA ALA A 79 24.69 -1.35 -14.10
C ALA A 79 24.18 -0.16 -13.28
N SER A 80 23.16 -0.40 -12.46
CA SER A 80 22.60 0.63 -11.60
C SER A 80 23.23 0.60 -10.23
N GLY A 81 24.25 -0.24 -10.06
CA GLY A 81 25.01 -0.26 -8.82
C GLY A 81 24.44 -1.23 -7.79
N GLY A 82 23.67 -2.20 -8.23
CA GLY A 82 23.14 -3.19 -7.26
C GLY A 82 23.83 -4.50 -7.44
N THR A 83 23.44 -5.51 -6.67
CA THR A 83 23.99 -6.86 -6.84
C THR A 83 22.87 -7.86 -7.01
N ALA A 84 23.14 -8.89 -7.80
CA ALA A 84 22.14 -9.93 -8.14
C ALA A 84 22.82 -11.19 -8.65
N GLN A 85 22.18 -12.34 -8.44
CA GLN A 85 22.66 -13.57 -9.07
C GLN A 85 21.46 -14.47 -9.32
N GLU A 86 21.64 -15.48 -10.17
CA GLU A 86 20.51 -16.30 -10.64
C GLU A 86 20.38 -17.63 -9.92
N LEU A 87 19.15 -18.11 -9.76
CA LEU A 87 18.90 -19.48 -9.41
C LEU A 87 17.75 -19.90 -10.34
N ALA A 88 17.90 -20.98 -11.08
CA ALA A 88 16.89 -21.36 -12.09
C ALA A 88 16.14 -22.62 -11.68
N GLY A 89 14.98 -22.86 -12.28
CA GLY A 89 14.25 -24.09 -12.00
C GLY A 89 12.77 -23.98 -12.32
N ASP A 90 12.21 -25.09 -12.77
CA ASP A 90 10.80 -25.17 -13.11
C ASP A 90 10.02 -25.44 -11.85
N LEU A 91 9.10 -24.55 -11.51
CA LEU A 91 8.38 -24.72 -10.24
C LEU A 91 7.22 -25.71 -10.33
N SER A 92 7.01 -26.29 -11.51
CA SER A 92 5.93 -27.27 -11.65
C SER A 92 6.37 -28.64 -11.11
N GLU A 93 7.66 -28.80 -10.84
CA GLU A 93 8.19 -30.10 -10.38
C GLU A 93 7.97 -30.31 -8.89
N ALA A 94 7.66 -31.53 -8.48
CA ALA A 94 7.41 -31.83 -7.07
C ALA A 94 8.66 -31.46 -6.29
N GLY A 95 8.48 -30.80 -5.16
CA GLY A 95 9.62 -30.39 -4.33
C GLY A 95 10.42 -29.21 -4.86
N ALA A 96 10.07 -28.69 -6.04
CA ALA A 96 10.83 -27.57 -6.60
C ALA A 96 10.86 -26.32 -5.67
N GLY A 97 9.74 -25.97 -5.07
CA GLY A 97 9.74 -24.81 -4.15
C GLY A 97 10.65 -24.98 -2.94
N THR A 98 10.61 -26.16 -2.34
CA THR A 98 11.51 -26.47 -1.23
C THR A 98 12.95 -26.32 -1.68
N ASP A 99 13.28 -26.93 -2.81
CA ASP A 99 14.65 -26.91 -3.30
C ASP A 99 15.11 -25.50 -3.65
N LEU A 100 14.22 -24.68 -4.19
CA LEU A 100 14.61 -23.33 -4.52
C LEU A 100 14.97 -22.57 -3.24
N ILE A 101 14.15 -22.67 -2.20
CA ILE A 101 14.44 -21.95 -0.97
C ILE A 101 15.77 -22.45 -0.39
N GLU A 102 15.95 -23.75 -0.34
CA GLU A 102 17.18 -24.30 0.24
C GLU A 102 18.41 -23.81 -0.52
N ARG A 103 18.32 -23.74 -1.85
CA ARG A 103 19.45 -23.22 -2.61
C ARG A 103 19.64 -21.73 -2.36
N ALA A 104 18.56 -21.00 -2.18
CA ALA A 104 18.70 -19.57 -1.94
C ALA A 104 19.30 -19.34 -0.57
N GLU A 105 18.84 -20.10 0.41
CA GLU A 105 19.38 -19.95 1.75
C GLU A 105 20.87 -20.31 1.82
N ALA A 106 21.33 -21.16 0.92
CA ALA A 106 22.74 -21.54 0.95
C ALA A 106 23.58 -20.39 0.40
N ILE A 107 22.93 -19.46 -0.30
CA ILE A 107 23.62 -18.23 -0.75
C ILE A 107 23.61 -17.19 0.36
N ALA A 108 22.44 -16.93 0.94
CA ALA A 108 22.31 -15.94 2.02
C ALA A 108 20.95 -16.11 2.67
N PRO A 109 20.80 -15.63 3.91
CA PRO A 109 19.48 -15.67 4.52
C PRO A 109 18.49 -14.93 3.62
N VAL A 110 17.33 -15.52 3.39
CA VAL A 110 16.35 -14.89 2.53
C VAL A 110 15.37 -14.11 3.38
N ASP A 111 15.47 -12.78 3.35
CA ASP A 111 14.63 -11.91 4.18
C ASP A 111 13.28 -11.63 3.49
N ILE A 112 13.32 -11.59 2.16
CA ILE A 112 12.18 -11.16 1.38
C ILE A 112 11.93 -12.21 0.31
N LEU A 113 10.70 -12.73 0.23
CA LEU A 113 10.32 -13.64 -0.84
C LEU A 113 9.19 -13.01 -1.68
N VAL A 114 9.44 -12.77 -2.96
CA VAL A 114 8.42 -12.31 -3.86
C VAL A 114 7.94 -13.50 -4.70
N ILE A 115 6.72 -13.94 -4.43
CA ILE A 115 6.15 -15.09 -5.13
C ILE A 115 5.46 -14.56 -6.40
N ASN A 116 6.20 -14.47 -7.49
CA ASN A 116 5.70 -13.79 -8.70
C ASN A 116 5.45 -14.74 -9.88
N ALA A 117 6.30 -15.76 -10.05
CA ALA A 117 6.13 -16.67 -11.16
C ALA A 117 4.81 -17.37 -10.97
N SER A 118 4.03 -17.50 -12.04
CA SER A 118 2.82 -18.30 -11.96
C SER A 118 2.50 -18.91 -13.31
N ALA A 119 1.67 -19.95 -13.29
CA ALA A 119 1.24 -20.61 -14.53
C ALA A 119 -0.14 -20.08 -14.86
N GLN A 120 -0.40 -19.86 -16.14
CA GLN A 120 -1.73 -19.44 -16.56
C GLN A 120 -2.08 -20.00 -17.93
N ILE A 121 -3.08 -20.87 -17.98
CA ILE A 121 -3.60 -21.34 -19.27
C ILE A 121 -5.08 -20.97 -19.35
N ASN A 122 -5.42 -20.07 -20.26
CA ASN A 122 -6.85 -19.66 -20.35
C ASN A 122 -7.77 -20.83 -20.69
N ALA A 123 -8.91 -20.92 -20.00
CA ALA A 123 -9.98 -21.84 -20.44
C ALA A 123 -11.16 -21.59 -19.58
N THR A 124 -12.31 -21.52 -20.23
CA THR A 124 -13.55 -21.60 -19.51
C THR A 124 -13.70 -23.02 -18.97
N LEU A 125 -14.72 -23.22 -18.16
CA LEU A 125 -14.89 -24.49 -17.47
C LEU A 125 -15.00 -25.63 -18.47
N SER A 126 -15.74 -25.43 -19.56
CA SER A 126 -15.92 -26.52 -20.53
C SER A 126 -14.59 -26.88 -21.19
N ALA A 127 -13.64 -25.95 -21.22
CA ALA A 127 -12.37 -26.24 -21.89
C ALA A 127 -11.25 -26.61 -20.89
N LEU A 128 -11.58 -26.69 -19.60
CA LEU A 128 -10.53 -26.95 -18.60
C LEU A 128 -10.18 -28.43 -18.57
N THR A 129 -8.93 -28.77 -18.89
CA THR A 129 -8.54 -30.18 -18.92
C THR A 129 -7.90 -30.57 -17.60
N PRO A 130 -7.95 -31.86 -17.26
CA PRO A 130 -7.27 -32.33 -16.06
C PRO A 130 -5.79 -31.92 -16.03
N ASN A 131 -5.07 -32.11 -17.14
CA ASN A 131 -3.65 -31.73 -17.20
C ASN A 131 -3.42 -30.25 -16.84
N ASP A 132 -4.25 -29.38 -17.40
CA ASP A 132 -4.05 -27.94 -17.25
C ASP A 132 -4.36 -27.48 -15.84
N LEU A 133 -5.40 -28.07 -15.25
CA LEU A 133 -5.75 -27.79 -13.88
C LEU A 133 -4.61 -28.22 -12.96
N ALA A 134 -4.09 -29.43 -13.18
CA ALA A 134 -3.04 -29.93 -12.29
C ALA A 134 -1.77 -29.09 -12.42
N PHE A 135 -1.42 -28.69 -13.64
CA PHE A 135 -0.22 -27.86 -13.85
C PHE A 135 -0.34 -26.52 -13.13
N GLN A 136 -1.45 -25.85 -13.31
CA GLN A 136 -1.68 -24.57 -12.64
C GLN A 136 -1.71 -24.71 -11.12
N LEU A 137 -2.31 -25.78 -10.60
CA LEU A 137 -2.20 -26.04 -9.17
C LEU A 137 -0.76 -26.27 -8.72
N ALA A 138 0.00 -27.05 -9.51
CA ALA A 138 1.34 -27.44 -9.09
C ALA A 138 2.19 -26.20 -8.94
N VAL A 139 2.16 -25.34 -9.95
CA VAL A 139 2.94 -24.12 -9.88
C VAL A 139 2.37 -23.13 -8.86
N ASN A 140 1.08 -22.82 -8.97
CA ASN A 140 0.54 -21.64 -8.26
C ASN A 140 0.25 -21.94 -6.79
N LEU A 141 -0.11 -23.17 -6.50
CA LEU A 141 -0.43 -23.51 -5.14
C LEU A 141 0.65 -24.38 -4.58
N GLY A 142 1.01 -25.45 -5.31
CA GLY A 142 2.00 -26.40 -4.84
C GLY A 142 3.34 -25.78 -4.51
N SER A 143 3.93 -25.06 -5.47
CA SER A 143 5.24 -24.49 -5.17
C SER A 143 5.13 -23.38 -4.14
N THR A 144 3.98 -22.70 -4.06
CA THR A 144 3.77 -21.66 -3.06
C THR A 144 3.80 -22.27 -1.65
N VAL A 145 3.02 -23.34 -1.45
CA VAL A 145 3.02 -24.07 -0.19
C VAL A 145 4.44 -24.49 0.15
N ASP A 146 5.14 -25.08 -0.82
CA ASP A 146 6.50 -25.56 -0.55
C ASP A 146 7.46 -24.43 -0.18
N MET A 147 7.44 -23.33 -0.91
CA MET A 147 8.37 -22.24 -0.58
C MET A 147 8.07 -21.67 0.81
N LEU A 148 6.79 -21.45 1.13
CA LEU A 148 6.43 -20.89 2.44
C LEU A 148 6.82 -21.86 3.55
N GLN A 149 6.64 -23.14 3.29
CA GLN A 149 6.94 -24.14 4.28
C GLN A 149 8.43 -24.16 4.67
N SER A 150 9.32 -23.96 3.69
CA SER A 150 10.78 -23.89 3.95
C SER A 150 11.23 -22.52 4.45
N ALA A 151 10.73 -21.45 3.83
CA ALA A 151 11.15 -20.09 4.13
C ALA A 151 10.65 -19.55 5.47
N LEU A 152 9.37 -19.75 5.78
CA LEU A 152 8.83 -19.08 6.97
C LEU A 152 9.53 -19.46 8.29
N PRO A 153 9.78 -20.75 8.55
CA PRO A 153 10.51 -21.04 9.80
C PRO A 153 11.87 -20.36 9.87
N LYS A 154 12.52 -20.22 8.73
CA LYS A 154 13.80 -19.55 8.67
C LYS A 154 13.69 -18.07 8.94
N MET A 155 12.65 -17.43 8.40
CA MET A 155 12.43 -16.03 8.72
C MET A 155 12.01 -15.88 10.19
N VAL A 156 11.19 -16.79 10.69
CA VAL A 156 10.73 -16.67 12.07
C VAL A 156 11.92 -16.76 13.01
N ALA A 157 12.83 -17.67 12.73
CA ALA A 157 14.02 -17.80 13.56
C ALA A 157 14.85 -16.51 13.57
N ARG A 158 14.89 -15.78 12.45
CA ARG A 158 15.64 -14.52 12.38
C ARG A 158 14.83 -13.31 12.80
N LYS A 159 13.58 -13.54 13.19
CA LYS A 159 12.67 -12.45 13.62
C LYS A 159 12.45 -11.33 12.62
N TRP A 160 12.43 -11.65 11.34
CA TRP A 160 12.08 -10.64 10.36
C TRP A 160 11.85 -11.34 9.05
N GLY A 161 10.78 -10.97 8.36
CA GLY A 161 10.54 -11.58 7.06
C GLY A 161 9.46 -10.82 6.34
N ARG A 162 9.50 -10.88 5.02
CA ARG A 162 8.46 -10.28 4.19
C ARG A 162 8.15 -11.25 3.06
N VAL A 163 6.87 -11.55 2.88
CA VAL A 163 6.43 -12.26 1.69
C VAL A 163 5.53 -11.29 0.94
N VAL A 164 5.86 -11.09 -0.34
CA VAL A 164 5.04 -10.28 -1.23
C VAL A 164 4.54 -11.25 -2.31
N SER A 165 3.29 -11.68 -2.17
CA SER A 165 2.71 -12.63 -3.09
C SER A 165 2.05 -11.85 -4.21
N ILE A 166 2.39 -12.17 -5.48
CA ILE A 166 1.70 -11.48 -6.58
C ILE A 166 0.41 -12.23 -6.90
N GLY A 167 -0.72 -11.55 -6.68
CA GLY A 167 -2.00 -12.19 -6.94
C GLY A 167 -2.63 -11.70 -8.22
N SER A 168 -3.91 -11.37 -8.15
CA SER A 168 -4.63 -10.86 -9.35
C SER A 168 -5.98 -10.35 -8.95
N ILE A 169 -6.48 -9.37 -9.71
CA ILE A 169 -7.85 -8.93 -9.49
C ILE A 169 -8.78 -10.16 -9.59
N ASN A 170 -8.38 -11.17 -10.38
CA ASN A 170 -9.19 -12.39 -10.49
C ASN A 170 -9.27 -13.19 -9.20
N GLN A 171 -8.42 -12.88 -8.23
CA GLN A 171 -8.57 -13.56 -6.93
C GLN A 171 -9.86 -13.16 -6.21
N LEU A 172 -10.42 -12.02 -6.61
CA LEU A 172 -11.53 -11.44 -5.88
C LEU A 172 -12.76 -11.36 -6.75
N ARG A 173 -12.56 -11.03 -8.04
CA ARG A 173 -13.67 -10.93 -9.00
C ARG A 173 -13.31 -11.65 -10.30
N PRO A 174 -13.46 -12.96 -10.30
CA PRO A 174 -12.85 -13.77 -11.36
C PRO A 174 -13.66 -13.80 -12.65
N LYS A 175 -12.95 -13.93 -13.79
CA LYS A 175 -13.62 -14.17 -15.05
C LYS A 175 -13.33 -15.58 -15.51
N SER A 176 -14.32 -16.21 -16.14
CA SER A 176 -14.19 -17.62 -16.51
C SER A 176 -13.17 -17.90 -17.60
N VAL A 177 -12.75 -16.87 -18.33
CA VAL A 177 -11.68 -17.05 -19.32
C VAL A 177 -10.42 -17.58 -18.63
N VAL A 178 -10.25 -17.27 -17.34
CA VAL A 178 -9.14 -17.81 -16.53
C VAL A 178 -9.66 -18.58 -15.31
N THR A 179 -10.63 -19.47 -15.54
CA THR A 179 -11.26 -20.22 -14.45
C THR A 179 -10.29 -20.83 -13.42
N ALA A 180 -9.37 -21.68 -13.88
CA ALA A 180 -8.51 -22.41 -12.97
C ALA A 180 -7.49 -21.45 -12.33
N TYR A 181 -6.87 -20.62 -13.16
CA TYR A 181 -5.86 -19.66 -12.68
C TYR A 181 -6.47 -18.81 -11.57
N ALA A 182 -7.67 -18.28 -11.81
CA ALA A 182 -8.30 -17.38 -10.84
C ALA A 182 -8.50 -18.10 -9.54
N ALA A 183 -8.97 -19.34 -9.62
CA ALA A 183 -9.19 -20.15 -8.42
C ALA A 183 -7.86 -20.40 -7.66
N THR A 184 -6.76 -20.65 -8.38
CA THR A 184 -5.48 -20.82 -7.68
C THR A 184 -5.06 -19.49 -7.01
N LYS A 185 -5.33 -18.36 -7.65
CA LYS A 185 -4.99 -17.07 -7.02
C LYS A 185 -5.83 -16.80 -5.77
N ALA A 186 -7.10 -17.21 -5.76
CA ALA A 186 -7.86 -17.11 -4.52
C ALA A 186 -7.27 -17.97 -3.36
N ALA A 187 -6.92 -19.21 -3.66
CA ALA A 187 -6.27 -20.13 -2.68
C ALA A 187 -4.95 -19.58 -2.20
N GLN A 188 -4.19 -19.00 -3.12
CA GLN A 188 -2.89 -18.46 -2.80
C GLN A 188 -3.02 -17.29 -1.78
N HIS A 189 -3.93 -16.36 -2.03
CA HIS A 189 -4.09 -15.28 -1.06
C HIS A 189 -4.59 -15.81 0.29
N ASN A 190 -5.36 -16.89 0.25
CA ASN A 190 -5.88 -17.45 1.48
C ASN A 190 -4.72 -17.98 2.33
N LEU A 191 -3.72 -18.59 1.68
CA LEU A 191 -2.48 -19.01 2.37
C LEU A 191 -1.74 -17.85 2.98
N ILE A 192 -1.61 -16.78 2.22
CA ILE A 192 -0.97 -15.55 2.71
C ILE A 192 -1.68 -15.12 3.99
N GLN A 193 -3.02 -15.18 3.99
CA GLN A 193 -3.77 -14.77 5.19
C GLN A 193 -3.59 -15.69 6.39
N SER A 194 -3.77 -17.00 6.21
CA SER A 194 -3.65 -17.90 7.36
C SER A 194 -2.25 -17.84 7.99
N GLN A 195 -1.23 -17.73 7.15
CA GLN A 195 0.16 -17.66 7.66
C GLN A 195 0.53 -16.31 8.27
N ALA A 196 0.05 -15.22 7.67
CA ALA A 196 0.24 -13.88 8.24
C ALA A 196 -0.25 -13.89 9.70
N ARG A 197 -1.41 -14.51 9.92
CA ARG A 197 -2.03 -14.53 11.24
C ARG A 197 -1.15 -15.30 12.23
N ASP A 198 -0.53 -16.39 11.75
CA ASP A 198 0.35 -17.20 12.60
C ASP A 198 1.62 -16.47 13.02
N PHE A 199 2.23 -15.74 12.09
CA PHE A 199 3.61 -15.31 12.28
C PHE A 199 3.81 -13.80 12.42
N ALA A 200 2.71 -13.07 12.53
CA ALA A 200 2.81 -11.61 12.69
C ALA A 200 3.68 -11.26 13.92
N GLY A 201 3.52 -12.06 14.98
CA GLY A 201 4.21 -11.76 16.23
C GLY A 201 5.71 -11.97 16.11
N ASP A 202 6.14 -12.57 15.01
CA ASP A 202 7.59 -12.77 14.79
C ASP A 202 8.12 -11.78 13.79
N ASN A 203 7.33 -10.75 13.47
CA ASN A 203 7.77 -9.78 12.43
C ASN A 203 7.98 -10.44 11.06
N VAL A 204 7.28 -11.55 10.83
CA VAL A 204 7.30 -12.19 9.53
C VAL A 204 5.94 -11.93 8.88
N LEU A 205 5.93 -10.97 7.97
CA LEU A 205 4.67 -10.42 7.42
C LEU A 205 4.43 -10.91 5.99
N LEU A 206 3.16 -11.14 5.66
CA LEU A 206 2.80 -11.61 4.33
C LEU A 206 1.64 -10.80 3.80
N ASN A 207 1.78 -10.29 2.60
CA ASN A 207 0.72 -9.54 1.97
C ASN A 207 0.70 -9.88 0.50
N THR A 208 -0.42 -9.59 -0.17
CA THR A 208 -0.58 -9.81 -1.59
C THR A 208 -0.63 -8.49 -2.33
N LEU A 209 0.11 -8.42 -3.44
CA LEU A 209 0.03 -7.32 -4.36
C LEU A 209 -0.75 -7.87 -5.54
N ALA A 210 -1.98 -7.36 -5.79
CA ALA A 210 -2.83 -7.96 -6.83
C ALA A 210 -2.99 -6.99 -7.98
N PRO A 211 -2.31 -7.24 -9.11
CA PRO A 211 -2.50 -6.35 -10.25
C PRO A 211 -3.78 -6.66 -11.03
N GLY A 212 -4.31 -5.64 -11.68
CA GLY A 212 -5.30 -5.79 -12.75
C GLY A 212 -4.52 -6.02 -14.03
N LEU A 213 -4.97 -5.44 -15.12
CA LEU A 213 -4.31 -5.70 -16.41
C LEU A 213 -2.97 -4.99 -16.52
N VAL A 214 -1.90 -5.72 -16.82
CA VAL A 214 -0.56 -5.11 -16.95
C VAL A 214 0.08 -5.51 -18.31
N ASP A 215 0.71 -4.55 -18.98
CA ASP A 215 1.45 -4.80 -20.23
C ASP A 215 2.65 -5.68 -19.95
N THR A 216 2.58 -6.94 -20.31
CA THR A 216 3.77 -7.79 -20.28
C THR A 216 3.83 -8.66 -21.53
N ASP A 217 4.75 -9.60 -21.55
CA ASP A 217 4.86 -10.56 -22.65
C ASP A 217 3.57 -11.34 -22.83
N ARG A 218 2.90 -11.68 -21.72
CA ARG A 218 1.63 -12.43 -21.81
C ARG A 218 0.64 -11.80 -22.78
N ASN A 219 0.83 -10.53 -23.14
CA ASN A 219 -0.08 -9.89 -24.09
C ASN A 219 0.66 -9.05 -25.13
N ALA A 220 1.99 -9.11 -25.07
CA ALA A 220 2.87 -8.37 -25.98
C ALA A 220 2.49 -8.60 -27.44
N ASP A 221 2.25 -9.85 -27.80
CA ASP A 221 1.89 -10.24 -29.15
C ASP A 221 0.54 -9.64 -29.64
N ARG A 222 -0.47 -9.68 -28.81
CA ARG A 222 -1.79 -9.13 -29.10
C ARG A 222 -1.81 -7.62 -29.25
N ARG A 223 -1.05 -6.95 -28.43
CA ARG A 223 -1.00 -5.53 -28.50
C ARG A 223 -0.45 -5.14 -29.85
N ALA A 224 0.65 -5.76 -30.21
CA ALA A 224 1.38 -5.48 -31.43
C ALA A 224 0.60 -5.86 -32.67
N GLN A 225 -0.12 -6.97 -32.60
CA GLN A 225 -0.82 -7.47 -33.79
C GLN A 225 -2.21 -6.84 -33.95
N ASP A 226 -2.81 -6.43 -32.84
CA ASP A 226 -4.14 -5.84 -32.87
C ASP A 226 -4.36 -4.53 -32.04
N PRO A 227 -3.64 -3.41 -32.47
CA PRO A 227 -3.81 -2.22 -31.59
C PRO A 227 -5.22 -1.63 -31.49
N GLU A 228 -6.00 -1.68 -32.55
CA GLU A 228 -7.32 -1.11 -32.50
C GLU A 228 -8.22 -1.79 -31.49
N GLY A 229 -8.17 -3.11 -31.52
CA GLY A 229 -9.03 -3.90 -30.67
C GLY A 229 -8.62 -3.74 -29.26
N TRP A 230 -7.34 -3.80 -29.03
CA TRP A 230 -6.83 -3.76 -27.72
C TRP A 230 -7.23 -2.46 -27.09
N ASP A 231 -7.08 -1.35 -27.78
CA ASP A 231 -7.41 -0.07 -27.20
C ASP A 231 -8.90 0.09 -26.82
N GLU A 232 -9.82 -0.38 -27.65
CA GLU A 232 -11.25 -0.34 -27.37
C GLU A 232 -11.57 -1.17 -26.11
N TYR A 233 -10.95 -2.35 -26.04
CA TYR A 233 -11.05 -3.21 -24.88
C TYR A 233 -10.53 -2.54 -23.58
N VAL A 234 -9.30 -2.03 -23.58
CA VAL A 234 -8.75 -1.50 -22.33
C VAL A 234 -9.48 -0.22 -21.91
N ARG A 235 -10.13 0.42 -22.88
CA ARG A 235 -10.77 1.71 -22.62
C ARG A 235 -11.93 1.58 -21.65
N THR A 236 -12.57 0.43 -21.61
CA THR A 236 -13.69 0.26 -20.69
C THR A 236 -13.45 -0.81 -19.65
N LEU A 237 -12.24 -1.39 -19.65
CA LEU A 237 -11.84 -2.37 -18.65
C LEU A 237 -11.79 -1.82 -17.23
N ASN A 238 -11.10 -0.70 -17.03
CA ASN A 238 -10.93 -0.13 -15.69
C ASN A 238 -11.13 1.37 -15.74
N TRP A 239 -11.09 2.03 -14.58
CA TRP A 239 -11.48 3.45 -14.54
C TRP A 239 -10.45 4.36 -15.24
N MET A 240 -9.20 3.93 -15.30
CA MET A 240 -8.19 4.71 -16.03
C MET A 240 -8.23 4.48 -17.54
N GLY A 241 -8.94 3.44 -17.96
CA GLY A 241 -9.04 3.10 -19.37
C GLY A 241 -7.71 2.72 -20.00
N ARG A 242 -6.82 2.07 -19.24
CA ARG A 242 -5.53 1.63 -19.79
C ARG A 242 -4.96 0.44 -19.02
N ALA A 243 -4.04 -0.28 -19.65
CA ALA A 243 -3.27 -1.28 -18.96
C ALA A 243 -2.18 -0.60 -18.10
N GLY A 244 -1.80 -1.28 -17.03
CA GLY A 244 -0.71 -0.82 -16.18
C GLY A 244 0.61 -1.22 -16.81
N ARG A 245 1.70 -0.60 -16.37
CA ARG A 245 3.04 -1.01 -16.79
C ARG A 245 3.69 -1.76 -15.63
N PRO A 246 4.60 -2.69 -15.93
CA PRO A 246 5.28 -3.43 -14.89
C PRO A 246 5.89 -2.53 -13.81
N GLU A 247 6.50 -1.42 -14.21
CA GLU A 247 7.18 -0.54 -13.24
C GLU A 247 6.19 0.09 -12.27
N GLU A 248 4.91 0.08 -12.63
CA GLU A 248 3.90 0.63 -11.74
C GLU A 248 3.56 -0.28 -10.58
N MET A 249 4.13 -1.49 -10.59
CA MET A 249 4.00 -2.42 -9.45
C MET A 249 5.10 -2.18 -8.41
N VAL A 250 6.09 -1.36 -8.75
CA VAL A 250 7.32 -1.39 -7.98
C VAL A 250 7.20 -0.71 -6.60
N GLY A 251 6.51 0.42 -6.57
CA GLY A 251 6.31 1.15 -5.32
C GLY A 251 5.62 0.29 -4.30
N ALA A 252 4.56 -0.40 -4.74
CA ALA A 252 3.79 -1.25 -3.83
C ALA A 252 4.63 -2.41 -3.36
N ALA A 253 5.43 -2.97 -4.25
CA ALA A 253 6.35 -4.03 -3.83
C ALA A 253 7.39 -3.57 -2.80
N LEU A 254 7.96 -2.38 -3.00
CA LEU A 254 8.94 -1.85 -2.04
C LEU A 254 8.29 -1.62 -0.67
N PHE A 255 7.07 -1.11 -0.70
CA PHE A 255 6.31 -0.90 0.50
C PHE A 255 6.14 -2.20 1.27
N LEU A 256 5.77 -3.27 0.54
CA LEU A 256 5.44 -4.57 1.15
C LEU A 256 6.69 -5.38 1.51
N ALA A 257 7.85 -4.96 1.00
CA ALA A 257 9.09 -5.71 1.21
C ALA A 257 9.97 -5.10 2.31
N SER A 258 9.54 -3.99 2.89
CA SER A 258 10.45 -3.23 3.74
C SER A 258 9.89 -2.93 5.13
N GLU A 259 10.61 -2.10 5.88
CA GLU A 259 10.16 -1.68 7.20
C GLU A 259 8.86 -0.89 7.08
N ALA A 260 8.58 -0.37 5.89
CA ALA A 260 7.41 0.45 5.72
C ALA A 260 6.08 -0.25 6.03
N CYS A 261 6.00 -1.56 5.85
CA CYS A 261 4.75 -2.24 6.17
C CYS A 261 4.77 -2.95 7.52
N SER A 262 5.57 -2.46 8.46
CA SER A 262 5.72 -3.13 9.76
C SER A 262 4.40 -3.27 10.54
N PHE A 263 3.37 -2.51 10.19
CA PHE A 263 2.09 -2.66 10.91
C PHE A 263 1.02 -3.19 9.96
N MET A 264 1.42 -3.88 8.90
CA MET A 264 0.47 -4.39 7.94
C MET A 264 0.81 -5.83 7.57
N THR A 265 -0.17 -6.72 7.76
CA THR A 265 0.00 -8.10 7.36
C THR A 265 -1.33 -8.79 7.03
N GLY A 266 -1.29 -9.76 6.11
CA GLY A 266 -2.50 -10.45 5.70
C GLY A 266 -3.46 -9.68 4.79
N GLU A 267 -2.97 -8.61 4.16
CA GLU A 267 -3.80 -7.71 3.38
C GLU A 267 -3.45 -7.82 1.88
N THR A 268 -4.23 -7.14 1.06
CA THR A 268 -3.99 -7.11 -0.38
C THR A 268 -3.95 -5.65 -0.79
N ILE A 269 -2.99 -5.28 -1.63
CA ILE A 269 -2.99 -3.99 -2.29
C ILE A 269 -3.44 -4.25 -3.75
N PHE A 270 -4.58 -3.70 -4.14
CA PHE A 270 -5.07 -3.85 -5.53
C PHE A 270 -4.60 -2.70 -6.41
N LEU A 271 -3.87 -3.04 -7.46
CA LEU A 271 -3.40 -2.08 -8.48
C LEU A 271 -4.05 -2.46 -9.80
N THR A 272 -5.22 -1.88 -10.04
CA THR A 272 -6.08 -2.31 -11.13
C THR A 272 -6.47 -1.18 -12.06
N GLY A 273 -5.98 0.03 -11.76
CA GLY A 273 -6.36 1.22 -12.53
C GLY A 273 -7.76 1.65 -12.15
N GLY A 274 -8.27 1.14 -11.03
CA GLY A 274 -9.63 1.46 -10.55
C GLY A 274 -10.60 0.44 -11.12
N TYR A 275 -11.24 -0.33 -10.24
CA TYR A 275 -12.05 -1.47 -10.70
C TYR A 275 -12.94 -1.92 -9.59
N MET B 23 15.02 3.95 -11.11
CA MET B 23 14.37 3.25 -9.97
C MET B 23 15.15 3.43 -8.65
N ARG B 24 15.44 4.69 -8.31
CA ARG B 24 15.88 5.07 -6.95
C ARG B 24 14.60 5.28 -6.15
N LEU B 25 14.67 5.15 -4.83
CA LEU B 25 13.55 5.54 -3.97
C LEU B 25 13.05 6.95 -4.31
N GLU B 26 13.97 7.90 -4.45
CA GLU B 26 13.61 9.26 -4.83
C GLU B 26 12.82 9.35 -6.14
N THR B 27 13.11 8.46 -7.08
CA THR B 27 12.42 8.50 -8.36
CA THR B 27 12.41 8.51 -8.36
C THR B 27 11.03 7.88 -8.23
N ILE B 28 10.89 6.94 -7.30
CA ILE B 28 9.59 6.32 -7.09
C ILE B 28 8.65 7.14 -6.19
N PHE B 29 9.13 7.55 -5.02
CA PHE B 29 8.29 8.23 -4.03
C PHE B 29 8.54 9.74 -3.94
N GLY B 30 9.48 10.27 -4.72
CA GLY B 30 9.84 11.71 -4.59
C GLY B 30 8.69 12.67 -4.88
N LEU B 31 8.61 13.76 -4.14
CA LEU B 31 7.53 14.73 -4.31
C LEU B 31 8.07 16.16 -4.57
N ARG B 32 9.29 16.29 -5.08
CA ARG B 32 9.82 17.65 -5.35
C ARG B 32 8.86 18.38 -6.27
N GLY B 33 8.55 19.62 -5.95
CA GLY B 33 7.67 20.40 -6.82
C GLY B 33 6.20 20.25 -6.48
N ARG B 34 5.85 19.28 -5.63
CA ARG B 34 4.45 19.13 -5.22
C ARG B 34 4.18 19.84 -3.90
N THR B 35 2.91 20.17 -3.68
CA THR B 35 2.46 20.74 -2.44
C THR B 35 1.37 19.87 -1.82
N ALA B 36 1.50 19.58 -0.53
CA ALA B 36 0.54 18.79 0.21
C ALA B 36 -0.15 19.60 1.33
N LEU B 37 -1.45 19.42 1.49
CA LEU B 37 -2.19 19.97 2.64
C LEU B 37 -2.53 18.76 3.52
N VAL B 38 -2.15 18.80 4.79
CA VAL B 38 -2.44 17.70 5.71
C VAL B 38 -3.31 18.24 6.84
N THR B 39 -4.58 17.84 6.89
CA THR B 39 -5.43 18.30 7.97
C THR B 39 -4.98 17.62 9.26
N GLY B 40 -5.08 18.31 10.40
CA GLY B 40 -4.73 17.69 11.69
C GLY B 40 -3.29 17.22 11.72
N SER B 41 -2.38 18.06 11.24
CA SER B 41 -0.97 17.69 11.25
C SER B 41 -0.20 18.29 12.41
N SER B 42 -0.90 18.75 13.45
CA SER B 42 -0.20 19.30 14.63
C SER B 42 0.45 18.22 15.50
N ARG B 43 -0.07 16.99 15.41
CA ARG B 43 0.38 15.90 16.27
C ARG B 43 -0.17 14.58 15.72
N GLY B 44 0.18 13.48 16.38
CA GLY B 44 -0.29 12.15 15.98
C GLY B 44 0.07 11.72 14.54
N ILE B 45 -0.84 11.00 13.93
CA ILE B 45 -0.63 10.43 12.60
C ILE B 45 -0.39 11.51 11.57
N GLY B 46 -1.17 12.60 11.64
CA GLY B 46 -1.04 13.68 10.67
C GLY B 46 0.32 14.35 10.75
N ALA B 47 0.85 14.50 11.96
CA ALA B 47 2.18 15.08 12.12
C ALA B 47 3.24 14.18 11.47
N ALA B 48 3.12 12.87 11.68
CA ALA B 48 4.16 11.99 11.14
C ALA B 48 4.07 12.00 9.63
N ILE B 49 2.86 11.96 9.13
CA ILE B 49 2.69 12.00 7.69
C ILE B 49 3.25 13.30 7.10
N ALA B 50 2.93 14.43 7.72
CA ALA B 50 3.41 15.71 7.21
C ALA B 50 4.94 15.67 7.12
N GLU B 51 5.61 15.13 8.12
CA GLU B 51 7.07 15.21 8.11
C GLU B 51 7.63 14.28 7.06
N GLY B 52 6.95 13.15 6.86
CA GLY B 52 7.35 12.23 5.80
C GLY B 52 7.24 12.82 4.41
N LEU B 53 6.08 13.43 4.12
CA LEU B 53 5.86 14.12 2.83
C LEU B 53 6.92 15.21 2.62
N ALA B 54 7.18 16.02 3.65
CA ALA B 54 8.15 17.11 3.50
C ALA B 54 9.52 16.51 3.25
N GLY B 55 9.80 15.37 3.87
CA GLY B 55 11.11 14.71 3.72
C GLY B 55 11.28 14.14 2.32
N ALA B 56 10.18 13.83 1.63
CA ALA B 56 10.23 13.36 0.25
C ALA B 56 10.25 14.51 -0.75
N GLY B 57 10.19 15.73 -0.23
CA GLY B 57 10.36 16.92 -1.07
C GLY B 57 9.13 17.79 -1.27
N ALA B 58 7.99 17.39 -0.69
CA ALA B 58 6.78 18.22 -0.83
C ALA B 58 6.90 19.48 0.01
N HIS B 59 6.42 20.60 -0.52
CA HIS B 59 6.08 21.72 0.34
C HIS B 59 4.83 21.31 1.12
N VAL B 60 4.85 21.45 2.44
CA VAL B 60 3.70 21.04 3.24
C VAL B 60 2.95 22.18 3.90
N ILE B 61 1.65 22.24 3.67
CA ILE B 61 0.77 23.12 4.41
C ILE B 61 0.15 22.36 5.57
N LEU B 62 0.46 22.82 6.77
CA LEU B 62 0.06 22.13 7.97
C LEU B 62 -1.24 22.74 8.48
N HIS B 63 -1.93 22.02 9.34
CA HIS B 63 -3.23 22.46 9.79
C HIS B 63 -3.56 21.88 11.14
N GLY B 64 -4.30 22.68 11.91
CA GLY B 64 -4.74 22.33 13.26
C GLY B 64 -5.90 23.27 13.58
N VAL B 65 -6.53 23.07 14.73
CA VAL B 65 -7.69 23.90 15.08
C VAL B 65 -7.31 25.38 15.25
N LYS B 66 -6.35 25.64 16.13
CA LYS B 66 -5.92 27.02 16.41
C LYS B 66 -4.58 27.44 15.81
N PRO B 67 -4.45 28.73 15.45
CA PRO B 67 -3.18 29.24 14.98
C PRO B 67 -2.05 28.86 15.92
N GLY B 68 -0.92 28.43 15.36
CA GLY B 68 0.26 28.08 16.17
C GLY B 68 0.27 26.64 16.66
N SER B 69 -0.82 25.90 16.45
CA SER B 69 -0.91 24.52 16.91
CA SER B 69 -0.90 24.52 16.91
C SER B 69 0.13 23.62 16.24
N THR B 70 0.53 23.96 15.01
CA THR B 70 1.49 23.11 14.29
C THR B 70 2.95 23.58 14.39
N ALA B 71 3.23 24.49 15.30
CA ALA B 71 4.58 25.10 15.33
C ALA B 71 5.72 24.07 15.38
N ALA B 72 5.58 23.04 16.22
CA ALA B 72 6.64 22.04 16.39
C ALA B 72 6.93 21.22 15.14
N VAL B 73 5.88 20.82 14.44
CA VAL B 73 6.07 20.01 13.25
C VAL B 73 6.71 20.88 12.18
N GLN B 74 6.28 22.14 12.09
CA GLN B 74 6.89 23.06 11.16
C GLN B 74 8.40 23.24 11.44
N GLN B 75 8.74 23.39 12.70
CA GLN B 75 10.11 23.51 13.11
C GLN B 75 10.95 22.28 12.75
N ARG B 76 10.40 21.08 12.91
CA ARG B 76 11.14 19.86 12.57
C ARG B 76 11.30 19.71 11.07
N ILE B 77 10.27 20.07 10.33
CA ILE B 77 10.38 20.05 8.87
C ILE B 77 11.46 21.00 8.41
N ILE B 78 11.40 22.24 8.87
CA ILE B 78 12.44 23.20 8.47
C ILE B 78 13.84 22.76 8.91
N ALA B 79 13.93 22.20 10.10
CA ALA B 79 15.22 21.76 10.64
C ALA B 79 15.85 20.66 9.80
N SER B 80 15.03 19.87 9.13
CA SER B 80 15.59 18.79 8.33
C SER B 80 15.74 19.21 6.87
N GLY B 81 15.51 20.48 6.57
CA GLY B 81 15.77 20.98 5.21
C GLY B 81 14.52 21.05 4.35
N GLY B 82 13.35 20.84 4.93
CA GLY B 82 12.11 20.92 4.15
C GLY B 82 11.43 22.26 4.32
N THR B 83 10.27 22.44 3.69
CA THR B 83 9.56 23.72 3.86
C THR B 83 8.12 23.43 4.23
N ALA B 84 7.52 24.32 5.03
CA ALA B 84 6.17 24.14 5.54
C ALA B 84 5.60 25.45 6.03
N GLN B 85 4.27 25.55 6.07
CA GLN B 85 3.61 26.69 6.69
C GLN B 85 2.26 26.22 7.19
N GLU B 86 1.56 27.10 7.91
CA GLU B 86 0.35 26.69 8.63
C GLU B 86 -0.92 27.40 8.15
N LEU B 87 -2.02 26.64 8.05
CA LEU B 87 -3.37 27.23 7.96
C LEU B 87 -4.23 26.56 9.02
N ALA B 88 -4.79 27.34 9.94
CA ALA B 88 -5.60 26.75 11.01
C ALA B 88 -7.10 26.91 10.73
N GLY B 89 -7.94 26.16 11.41
CA GLY B 89 -9.39 26.33 11.28
C GLY B 89 -10.14 25.13 11.81
N ASP B 90 -11.27 25.37 12.45
CA ASP B 90 -12.07 24.30 13.06
C ASP B 90 -12.96 23.73 11.94
N LEU B 91 -12.78 22.46 11.66
CA LEU B 91 -13.46 21.83 10.53
C LEU B 91 -14.90 21.48 10.85
N SER B 92 -15.33 21.76 12.08
CA SER B 92 -16.73 21.52 12.45
C SER B 92 -17.65 22.65 12.00
N GLU B 93 -17.10 23.76 11.57
CA GLU B 93 -17.98 24.88 11.23
C GLU B 93 -18.44 24.84 9.79
N ALA B 94 -19.63 25.35 9.53
CA ALA B 94 -20.20 25.26 8.20
C ALA B 94 -19.29 25.95 7.17
N GLY B 95 -18.94 25.26 6.08
CA GLY B 95 -18.08 25.85 5.04
C GLY B 95 -16.56 25.84 5.32
N ALA B 96 -16.16 25.35 6.49
CA ALA B 96 -14.72 25.38 6.85
C ALA B 96 -13.81 24.63 5.85
N GLY B 97 -14.27 23.49 5.35
CA GLY B 97 -13.46 22.75 4.38
C GLY B 97 -13.23 23.55 3.11
N THR B 98 -14.27 24.22 2.66
CA THR B 98 -14.17 25.05 1.47
C THR B 98 -13.18 26.19 1.70
N ASP B 99 -13.32 26.88 2.82
CA ASP B 99 -12.43 28.00 3.16
C ASP B 99 -10.97 27.54 3.26
N LEU B 100 -10.76 26.39 3.87
CA LEU B 100 -9.42 25.82 3.98
C LEU B 100 -8.75 25.57 2.63
N ILE B 101 -9.45 24.91 1.71
CA ILE B 101 -8.89 24.64 0.37
C ILE B 101 -8.65 25.96 -0.38
N GLU B 102 -9.58 26.90 -0.26
CA GLU B 102 -9.43 28.13 -1.00
C GLU B 102 -8.21 28.91 -0.51
N ARG B 103 -8.04 28.94 0.79
CA ARG B 103 -6.87 29.55 1.39
C ARG B 103 -5.59 28.87 0.96
N ALA B 104 -5.58 27.54 0.91
CA ALA B 104 -4.37 26.82 0.52
C ALA B 104 -4.04 27.03 -0.97
N GLU B 105 -5.06 26.95 -1.82
CA GLU B 105 -4.89 27.22 -3.25
C GLU B 105 -4.38 28.65 -3.56
N ALA B 106 -4.73 29.62 -2.73
CA ALA B 106 -4.19 30.98 -2.90
C ALA B 106 -2.70 31.04 -2.55
N ILE B 107 -2.22 30.05 -1.82
CA ILE B 107 -0.80 29.96 -1.53
C ILE B 107 0.00 29.19 -2.59
N ALA B 108 -0.55 28.09 -3.08
CA ALA B 108 0.07 27.29 -4.14
C ALA B 108 -0.91 26.21 -4.57
N PRO B 109 -0.72 25.65 -5.78
CA PRO B 109 -1.54 24.53 -6.18
C PRO B 109 -1.42 23.42 -5.15
N VAL B 110 -2.55 22.90 -4.67
CA VAL B 110 -2.52 21.78 -3.74
C VAL B 110 -2.63 20.49 -4.56
N ASP B 111 -1.51 19.77 -4.67
CA ASP B 111 -1.44 18.52 -5.43
C ASP B 111 -1.89 17.32 -4.63
N ILE B 112 -1.68 17.38 -3.33
CA ILE B 112 -1.88 16.24 -2.47
C ILE B 112 -2.69 16.70 -1.28
N LEU B 113 -3.84 16.05 -1.07
CA LEU B 113 -4.67 16.36 0.09
C LEU B 113 -4.72 15.17 1.05
N VAL B 114 -4.24 15.35 2.27
CA VAL B 114 -4.34 14.29 3.27
C VAL B 114 -5.45 14.62 4.27
N ILE B 115 -6.49 13.80 4.24
CA ILE B 115 -7.68 14.09 5.05
C ILE B 115 -7.55 13.30 6.35
N ASN B 116 -6.92 13.93 7.34
CA ASN B 116 -6.52 13.25 8.53
C ASN B 116 -7.28 13.67 9.77
N ALA B 117 -7.52 14.98 9.93
CA ALA B 117 -8.26 15.43 11.11
C ALA B 117 -9.65 14.78 11.18
N SER B 118 -10.07 14.31 12.33
CA SER B 118 -11.41 13.81 12.48
C SER B 118 -11.90 14.03 13.89
N ALA B 119 -13.21 13.90 14.07
CA ALA B 119 -13.85 14.05 15.37
C ALA B 119 -14.27 12.66 15.79
N GLN B 120 -14.08 12.35 17.06
CA GLN B 120 -14.48 11.05 17.59
C GLN B 120 -15.01 11.24 19.00
N ILE B 121 -16.31 11.00 19.19
CA ILE B 121 -16.88 11.07 20.51
C ILE B 121 -17.40 9.68 20.87
N ASN B 122 -16.72 8.96 21.74
CA ASN B 122 -17.13 7.58 22.08
C ASN B 122 -18.53 7.53 22.65
N ALA B 123 -19.35 6.62 22.13
CA ALA B 123 -20.68 6.39 22.67
C ALA B 123 -21.28 5.19 21.96
N THR B 124 -21.87 4.28 22.73
CA THR B 124 -22.68 3.24 22.12
C THR B 124 -23.99 3.91 21.67
N LEU B 125 -24.81 3.17 20.92
CA LEU B 125 -26.08 3.71 20.41
C LEU B 125 -27.00 4.36 21.47
N SER B 126 -27.13 3.73 22.63
CA SER B 126 -27.94 4.30 23.73
C SER B 126 -27.44 5.67 24.24
N ALA B 127 -26.18 5.98 24.00
CA ALA B 127 -25.63 7.25 24.48
C ALA B 127 -25.25 8.20 23.34
N LEU B 128 -25.72 7.89 22.15
CA LEU B 128 -25.44 8.72 20.99
C LEU B 128 -26.47 9.84 20.92
N THR B 129 -26.05 11.08 21.12
CA THR B 129 -26.97 12.21 21.09
C THR B 129 -26.96 12.84 19.69
N PRO B 130 -28.07 13.50 19.34
CA PRO B 130 -28.14 14.19 18.05
C PRO B 130 -27.05 15.24 17.86
N ASN B 131 -26.65 15.94 18.93
CA ASN B 131 -25.57 16.93 18.87
C ASN B 131 -24.25 16.25 18.54
N ASP B 132 -23.94 15.17 19.25
CA ASP B 132 -22.71 14.43 18.99
C ASP B 132 -22.68 13.83 17.60
N LEU B 133 -23.81 13.29 17.16
CA LEU B 133 -23.93 12.79 15.79
C LEU B 133 -23.69 13.90 14.76
N ALA B 134 -24.34 15.04 14.95
CA ALA B 134 -24.15 16.15 14.02
C ALA B 134 -22.70 16.65 13.99
N PHE B 135 -22.06 16.69 15.14
CA PHE B 135 -20.68 17.19 15.19
C PHE B 135 -19.71 16.27 14.43
N GLN B 136 -19.83 14.96 14.66
CA GLN B 136 -18.99 14.00 13.96
C GLN B 136 -19.29 13.98 12.46
N LEU B 137 -20.56 14.08 12.11
CA LEU B 137 -20.87 14.23 10.68
C LEU B 137 -20.26 15.50 10.07
N ALA B 138 -20.32 16.61 10.80
CA ALA B 138 -19.86 17.89 10.24
C ALA B 138 -18.36 17.81 9.95
N VAL B 139 -17.60 17.30 10.89
CA VAL B 139 -16.16 17.18 10.69
C VAL B 139 -15.81 16.05 9.72
N ASN B 140 -16.29 14.84 9.99
CA ASN B 140 -15.78 13.67 9.25
C ASN B 140 -16.32 13.54 7.84
N LEU B 141 -17.58 13.91 7.64
CA LEU B 141 -18.19 13.84 6.30
C LEU B 141 -18.38 15.22 5.68
N GLY B 142 -18.91 16.14 6.46
CA GLY B 142 -19.18 17.50 5.97
C GLY B 142 -17.95 18.21 5.41
N SER B 143 -16.89 18.33 6.22
CA SER B 143 -15.69 19.01 5.74
C SER B 143 -14.98 18.22 4.62
N THR B 144 -15.09 16.89 4.66
CA THR B 144 -14.56 16.05 3.59
C THR B 144 -15.26 16.37 2.27
N VAL B 145 -16.57 16.38 2.28
CA VAL B 145 -17.29 16.73 1.06
C VAL B 145 -16.87 18.12 0.56
N ASP B 146 -16.81 19.08 1.48
CA ASP B 146 -16.48 20.46 1.11
C ASP B 146 -15.06 20.58 0.55
N MET B 147 -14.09 19.95 1.23
CA MET B 147 -12.75 19.96 0.69
C MET B 147 -12.67 19.31 -0.69
N LEU B 148 -13.25 18.14 -0.86
CA LEU B 148 -13.16 17.48 -2.16
C LEU B 148 -13.87 18.31 -3.23
N GLN B 149 -15.03 18.88 -2.89
CA GLN B 149 -15.78 19.70 -3.86
C GLN B 149 -14.93 20.85 -4.37
N SER B 150 -14.16 21.47 -3.46
CA SER B 150 -13.25 22.55 -3.85
C SER B 150 -11.95 22.06 -4.48
N ALA B 151 -11.34 21.03 -3.91
CA ALA B 151 -10.03 20.59 -4.43
C ALA B 151 -10.04 19.78 -5.73
N LEU B 152 -11.01 18.88 -5.91
CA LEU B 152 -10.91 17.96 -7.04
C LEU B 152 -10.91 18.65 -8.41
N PRO B 153 -11.76 19.65 -8.60
CA PRO B 153 -11.79 20.32 -9.89
C PRO B 153 -10.46 21.00 -10.20
N LYS B 154 -9.77 21.48 -9.16
CA LYS B 154 -8.48 22.16 -9.33
C LYS B 154 -7.44 21.15 -9.75
N MET B 155 -7.44 19.99 -9.08
CA MET B 155 -6.54 18.90 -9.41
C MET B 155 -6.77 18.37 -10.82
N VAL B 156 -8.04 18.21 -11.19
CA VAL B 156 -8.40 17.68 -12.50
C VAL B 156 -7.89 18.62 -13.61
N ALA B 157 -8.05 19.91 -13.41
CA ALA B 157 -7.62 20.89 -14.42
C ALA B 157 -6.11 20.82 -14.60
N ARG B 158 -5.39 20.53 -13.51
CA ARG B 158 -3.93 20.30 -13.58
C ARG B 158 -3.52 18.89 -13.98
N LYS B 159 -4.50 17.98 -14.11
CA LYS B 159 -4.23 16.61 -14.56
C LYS B 159 -3.27 15.84 -13.66
N TRP B 160 -3.33 16.11 -12.35
CA TRP B 160 -2.61 15.31 -11.37
C TRP B 160 -3.15 15.67 -9.99
N GLY B 161 -3.37 14.66 -9.16
CA GLY B 161 -3.88 14.90 -7.83
C GLY B 161 -3.83 13.62 -7.02
N ARG B 162 -3.70 13.79 -5.70
CA ARG B 162 -3.74 12.64 -4.79
C ARG B 162 -4.56 13.01 -3.56
N VAL B 163 -5.50 12.15 -3.20
CA VAL B 163 -6.17 12.28 -1.92
C VAL B 163 -5.82 11.07 -1.12
N VAL B 164 -5.31 11.30 0.09
CA VAL B 164 -5.07 10.20 1.01
C VAL B 164 -6.02 10.42 2.16
N SER B 165 -7.07 9.62 2.22
CA SER B 165 -8.07 9.76 3.25
C SER B 165 -7.66 8.84 4.39
N ILE B 166 -7.58 9.37 5.61
CA ILE B 166 -7.25 8.52 6.73
C ILE B 166 -8.55 7.89 7.25
N GLY B 167 -8.64 6.57 7.12
CA GLY B 167 -9.89 5.88 7.44
C GLY B 167 -9.77 5.25 8.81
N SER B 168 -10.23 4.01 8.92
CA SER B 168 -10.12 3.25 10.16
C SER B 168 -10.58 1.82 9.91
N ILE B 169 -10.02 0.89 10.66
CA ILE B 169 -10.53 -0.47 10.64
C ILE B 169 -12.02 -0.47 10.96
N ASN B 170 -12.48 0.54 11.72
CA ASN B 170 -13.90 0.62 12.06
C ASN B 170 -14.77 0.94 10.85
N GLN B 171 -14.18 1.39 9.72
CA GLN B 171 -14.99 1.60 8.51
C GLN B 171 -15.51 0.27 7.96
N LEU B 172 -14.88 -0.82 8.36
CA LEU B 172 -15.13 -2.14 7.78
C LEU B 172 -15.68 -3.13 8.82
N ARG B 173 -15.15 -3.10 10.04
CA ARG B 173 -15.57 -4.02 11.10
C ARG B 173 -15.79 -3.21 12.37
N PRO B 174 -16.91 -2.46 12.43
CA PRO B 174 -17.11 -1.45 13.48
C PRO B 174 -17.44 -2.01 14.88
N LYS B 175 -16.96 -1.32 15.91
CA LYS B 175 -17.38 -1.58 17.28
C LYS B 175 -18.31 -0.48 17.79
N SER B 176 -19.34 -0.85 18.54
CA SER B 176 -20.37 0.12 18.93
C SER B 176 -19.85 1.17 19.86
N VAL B 177 -18.68 0.93 20.45
CA VAL B 177 -18.09 1.94 21.33
C VAL B 177 -17.80 3.24 20.54
N VAL B 178 -17.63 3.12 19.22
CA VAL B 178 -17.55 4.31 18.37
C VAL B 178 -18.62 4.29 17.27
N THR B 179 -19.86 4.04 17.67
CA THR B 179 -20.95 3.84 16.73
C THR B 179 -21.03 4.91 15.66
N ALA B 180 -21.12 6.18 16.07
CA ALA B 180 -21.23 7.27 15.11
C ALA B 180 -19.97 7.48 14.28
N TYR B 181 -18.83 7.57 14.93
CA TYR B 181 -17.56 7.74 14.22
C TYR B 181 -17.34 6.65 13.17
N ALA B 182 -17.55 5.38 13.55
CA ALA B 182 -17.41 4.25 12.61
C ALA B 182 -18.27 4.45 11.37
N ALA B 183 -19.54 4.82 11.56
CA ALA B 183 -20.42 5.08 10.44
C ALA B 183 -19.93 6.22 9.54
N THR B 184 -19.44 7.31 10.13
CA THR B 184 -18.85 8.37 9.30
C THR B 184 -17.65 7.90 8.48
N LYS B 185 -16.84 7.01 9.06
CA LYS B 185 -15.65 6.55 8.33
C LYS B 185 -16.06 5.65 7.17
N ALA B 186 -17.11 4.87 7.36
CA ALA B 186 -17.67 4.12 6.22
C ALA B 186 -18.20 5.04 5.11
N ALA B 187 -18.90 6.13 5.46
CA ALA B 187 -19.39 7.07 4.45
C ALA B 187 -18.22 7.75 3.73
N GLN B 188 -17.21 8.12 4.50
CA GLN B 188 -16.04 8.81 3.96
C GLN B 188 -15.31 7.93 2.94
N HIS B 189 -15.07 6.67 3.28
CA HIS B 189 -14.44 5.81 2.29
C HIS B 189 -15.31 5.62 1.03
N ASN B 190 -16.61 5.60 1.21
CA ASN B 190 -17.52 5.45 0.06
C ASN B 190 -17.37 6.65 -0.90
N LEU B 191 -17.23 7.84 -0.32
CA LEU B 191 -16.97 9.03 -1.13
C LEU B 191 -15.65 8.90 -1.85
N ILE B 192 -14.62 8.48 -1.13
CA ILE B 192 -13.36 8.21 -1.80
C ILE B 192 -13.58 7.30 -3.05
N GLN B 193 -14.38 6.24 -2.94
CA GLN B 193 -14.53 5.29 -4.06
C GLN B 193 -15.31 5.89 -5.23
N SER B 194 -16.40 6.59 -4.94
CA SER B 194 -17.20 7.15 -6.01
C SER B 194 -16.45 8.24 -6.77
N GLN B 195 -15.67 9.04 -6.05
CA GLN B 195 -14.88 10.08 -6.71
C GLN B 195 -13.66 9.48 -7.42
N ALA B 196 -13.05 8.45 -6.84
CA ALA B 196 -11.93 7.76 -7.54
C ALA B 196 -12.38 7.32 -8.92
N ARG B 197 -13.58 6.79 -8.98
CA ARG B 197 -14.11 6.20 -10.22
C ARG B 197 -14.34 7.30 -11.25
N ASP B 198 -14.76 8.47 -10.79
CA ASP B 198 -14.98 9.62 -11.69
C ASP B 198 -13.70 10.20 -12.25
N PHE B 199 -12.65 10.35 -11.42
CA PHE B 199 -11.52 11.16 -11.86
C PHE B 199 -10.25 10.41 -12.17
N ALA B 200 -10.32 9.09 -12.21
CA ALA B 200 -9.13 8.25 -12.48
C ALA B 200 -8.52 8.61 -13.83
N GLY B 201 -9.39 8.93 -14.79
CA GLY B 201 -8.93 9.25 -16.16
C GLY B 201 -8.18 10.58 -16.17
N ASP B 202 -8.34 11.39 -15.14
CA ASP B 202 -7.58 12.64 -15.03
C ASP B 202 -6.29 12.56 -14.20
N ASN B 203 -5.92 11.35 -13.79
CA ASN B 203 -4.74 11.19 -12.92
C ASN B 203 -4.96 11.81 -11.56
N VAL B 204 -6.23 11.92 -11.14
CA VAL B 204 -6.52 12.42 -9.81
C VAL B 204 -7.01 11.21 -9.01
N LEU B 205 -6.15 10.72 -8.12
CA LEU B 205 -6.38 9.42 -7.48
C LEU B 205 -6.75 9.58 -6.00
N LEU B 206 -7.65 8.74 -5.54
CA LEU B 206 -8.09 8.86 -4.16
C LEU B 206 -8.10 7.47 -3.56
N ASN B 207 -7.51 7.34 -2.37
CA ASN B 207 -7.42 6.06 -1.67
C ASN B 207 -7.48 6.32 -0.17
N THR B 208 -7.76 5.28 0.60
CA THR B 208 -7.91 5.39 2.03
C THR B 208 -6.77 4.64 2.66
N LEU B 209 -6.17 5.23 3.69
CA LEU B 209 -5.19 4.52 4.53
C LEU B 209 -5.93 4.31 5.84
N ALA B 210 -6.19 3.05 6.20
CA ALA B 210 -7.13 2.76 7.32
C ALA B 210 -6.35 2.09 8.45
N PRO B 211 -6.04 2.85 9.50
CA PRO B 211 -5.27 2.24 10.57
C PRO B 211 -6.16 1.44 11.53
N GLY B 212 -5.54 0.47 12.18
CA GLY B 212 -6.11 -0.15 13.37
C GLY B 212 -5.64 0.69 14.55
N LEU B 213 -5.35 0.05 15.68
CA LEU B 213 -5.02 0.83 16.88
C LEU B 213 -3.63 1.44 16.76
N VAL B 214 -3.53 2.75 16.98
CA VAL B 214 -2.26 3.45 16.94
C VAL B 214 -2.09 4.35 18.18
N ASP B 215 -0.91 4.32 18.77
CA ASP B 215 -0.61 5.11 19.99
C ASP B 215 -0.64 6.59 19.67
N THR B 216 -1.69 7.29 20.09
CA THR B 216 -1.70 8.75 19.94
C THR B 216 -2.25 9.36 21.22
N ASP B 217 -2.49 10.67 21.19
CA ASP B 217 -3.07 11.38 22.34
C ASP B 217 -4.46 10.88 22.64
N ARG B 218 -5.14 10.43 21.59
CA ARG B 218 -6.52 10.01 21.70
C ARG B 218 -6.66 8.85 22.68
N ASN B 219 -5.58 8.11 22.91
CA ASN B 219 -5.57 7.04 23.89
C ASN B 219 -4.42 7.08 24.90
N ALA B 220 -3.76 8.22 25.01
CA ALA B 220 -2.74 8.42 26.00
C ALA B 220 -3.34 8.33 27.38
N ASP B 221 -4.53 8.86 27.53
CA ASP B 221 -5.22 8.87 28.82
C ASP B 221 -5.59 7.50 29.40
N ARG B 222 -6.11 6.62 28.57
CA ARG B 222 -6.37 5.22 28.98
C ARG B 222 -5.14 4.46 29.31
N ARG B 223 -4.17 4.67 28.46
CA ARG B 223 -2.91 4.03 28.44
C ARG B 223 -2.10 4.35 29.70
N ALA B 224 -2.30 5.57 30.20
CA ALA B 224 -1.57 6.09 31.36
C ALA B 224 -2.28 5.73 32.64
N GLN B 225 -3.53 5.37 32.48
CA GLN B 225 -4.47 5.30 33.50
C GLN B 225 -4.80 3.90 33.98
N ASP B 226 -4.63 2.88 33.13
CA ASP B 226 -4.78 1.48 33.50
C ASP B 226 -3.86 0.68 32.61
N PRO B 227 -2.50 0.76 32.91
CA PRO B 227 -1.62 0.10 31.95
C PRO B 227 -1.82 -1.38 31.79
N GLU B 228 -2.22 -2.09 32.82
CA GLU B 228 -2.50 -3.54 32.72
C GLU B 228 -3.75 -3.83 31.91
N GLY B 229 -4.85 -3.15 32.24
CA GLY B 229 -6.07 -3.22 31.44
C GLY B 229 -5.73 -3.00 29.97
N TRP B 230 -4.83 -2.05 29.71
CA TRP B 230 -4.42 -1.67 28.36
C TRP B 230 -3.58 -2.73 27.71
N ASP B 231 -2.50 -3.12 28.38
CA ASP B 231 -1.62 -4.14 27.84
C ASP B 231 -2.41 -5.41 27.52
N GLU B 232 -3.40 -5.72 28.36
CA GLU B 232 -4.16 -6.96 28.18
C GLU B 232 -5.11 -6.84 26.99
N TYR B 233 -5.65 -5.64 26.78
CA TYR B 233 -6.49 -5.42 25.63
C TYR B 233 -5.68 -5.41 24.33
N VAL B 234 -4.51 -4.77 24.31
CA VAL B 234 -3.72 -4.79 23.07
C VAL B 234 -3.15 -6.17 22.76
N ARG B 235 -2.78 -6.91 23.80
CA ARG B 235 -2.16 -8.21 23.59
C ARG B 235 -3.05 -9.10 22.71
N THR B 236 -4.36 -9.00 22.87
CA THR B 236 -5.24 -9.86 22.10
C THR B 236 -5.99 -9.11 21.00
N LEU B 237 -5.72 -7.82 20.82
CA LEU B 237 -6.48 -7.04 19.83
C LEU B 237 -6.18 -7.49 18.40
N ASN B 238 -4.90 -7.54 18.05
CA ASN B 238 -4.54 -7.82 16.66
C ASN B 238 -3.45 -8.86 16.64
N TRP B 239 -3.04 -9.33 15.47
CA TRP B 239 -2.11 -10.47 15.43
C TRP B 239 -0.71 -10.16 15.96
N MET B 240 -0.30 -8.89 15.96
CA MET B 240 1.03 -8.55 16.50
C MET B 240 0.96 -8.32 17.99
N GLY B 241 -0.26 -8.21 18.53
CA GLY B 241 -0.45 -7.96 19.96
C GLY B 241 0.11 -6.60 20.42
N ARG B 242 -0.03 -5.53 19.63
CA ARG B 242 0.50 -4.23 20.06
C ARG B 242 -0.19 -3.11 19.31
N ALA B 243 -0.09 -1.88 19.82
CA ALA B 243 -0.54 -0.70 19.10
C ALA B 243 0.52 -0.27 18.07
N GLY B 244 0.10 0.27 16.93
CA GLY B 244 1.06 0.80 15.96
C GLY B 244 1.59 2.17 16.40
N ARG B 245 2.65 2.66 15.76
CA ARG B 245 3.16 4.01 16.06
C ARG B 245 2.79 4.90 14.89
N PRO B 246 2.61 6.20 15.15
CA PRO B 246 2.25 7.10 14.07
C PRO B 246 3.24 7.00 12.93
N GLU B 247 4.52 6.84 13.25
CA GLU B 247 5.50 6.73 12.17
C GLU B 247 5.26 5.50 11.24
N GLU B 248 4.55 4.49 11.72
CA GLU B 248 4.31 3.30 10.89
C GLU B 248 3.22 3.57 9.86
N MET B 249 2.64 4.76 9.89
CA MET B 249 1.65 5.11 8.87
C MET B 249 2.28 5.77 7.67
N VAL B 250 3.55 6.15 7.82
CA VAL B 250 4.15 7.11 6.89
C VAL B 250 4.50 6.54 5.52
N GLY B 251 5.07 5.32 5.49
CA GLY B 251 5.42 4.68 4.24
C GLY B 251 4.20 4.58 3.31
N ALA B 252 3.08 4.15 3.90
CA ALA B 252 1.83 3.97 3.20
C ALA B 252 1.32 5.30 2.68
N ALA B 253 1.39 6.34 3.50
CA ALA B 253 1.00 7.70 3.05
C ALA B 253 1.86 8.17 1.89
N LEU B 254 3.17 7.93 1.95
CA LEU B 254 4.07 8.29 0.86
C LEU B 254 3.71 7.55 -0.44
N PHE B 255 3.40 6.28 -0.29
CA PHE B 255 2.97 5.48 -1.43
C PHE B 255 1.71 6.08 -2.08
N LEU B 256 0.71 6.39 -1.27
CA LEU B 256 -0.55 6.92 -1.79
C LEU B 256 -0.50 8.38 -2.23
N ALA B 257 0.57 9.10 -1.87
CA ALA B 257 0.69 10.54 -2.16
C ALA B 257 1.54 10.82 -3.39
N SER B 258 2.16 9.78 -3.97
CA SER B 258 3.22 9.96 -4.97
C SER B 258 2.91 9.28 -6.31
N GLU B 259 3.85 9.34 -7.25
CA GLU B 259 3.70 8.64 -8.51
C GLU B 259 3.58 7.13 -8.26
N ALA B 260 4.04 6.67 -7.09
CA ALA B 260 4.11 5.23 -6.84
C ALA B 260 2.77 4.53 -6.98
N CYS B 261 1.69 5.24 -6.73
CA CYS B 261 0.39 4.58 -6.75
C CYS B 261 -0.38 4.92 -8.04
N SER B 262 0.37 5.25 -9.09
CA SER B 262 -0.23 5.64 -10.38
C SER B 262 -1.23 4.66 -11.01
N PHE B 263 -1.18 3.38 -10.63
CA PHE B 263 -2.16 2.41 -11.15
C PHE B 263 -3.12 1.93 -10.05
N MET B 264 -3.25 2.74 -9.00
CA MET B 264 -4.09 2.38 -7.86
C MET B 264 -5.05 3.50 -7.45
N THR B 265 -6.35 3.22 -7.42
CA THR B 265 -7.28 4.25 -7.01
C THR B 265 -8.58 3.60 -6.52
N GLY B 266 -9.24 4.25 -5.55
CA GLY B 266 -10.50 3.76 -4.98
C GLY B 266 -10.32 2.63 -3.96
N GLU B 267 -9.10 2.48 -3.46
CA GLU B 267 -8.78 1.30 -2.69
C GLU B 267 -8.43 1.69 -1.25
N THR B 268 -8.18 0.68 -0.43
CA THR B 268 -7.87 0.91 0.99
C THR B 268 -6.65 0.10 1.35
N ILE B 269 -5.73 0.73 2.07
CA ILE B 269 -4.62 0.03 2.68
C ILE B 269 -4.93 -0.07 4.18
N PHE B 270 -5.06 -1.30 4.70
CA PHE B 270 -5.33 -1.49 6.12
C PHE B 270 -4.02 -1.77 6.87
N LEU B 271 -3.69 -0.90 7.81
CA LEU B 271 -2.52 -1.09 8.64
C LEU B 271 -3.03 -1.32 10.07
N THR B 272 -3.31 -2.57 10.40
CA THR B 272 -4.02 -2.93 11.64
C THR B 272 -3.26 -3.84 12.58
N GLY B 273 -2.04 -4.19 12.21
CA GLY B 273 -1.24 -5.13 12.98
C GLY B 273 -1.66 -6.57 12.72
N GLY B 274 -2.55 -6.73 11.72
CA GLY B 274 -3.09 -8.05 11.38
C GLY B 274 -4.42 -8.21 12.11
N TYR B 275 -5.50 -8.28 11.36
CA TYR B 275 -6.81 -8.28 12.00
C TYR B 275 -7.87 -8.82 11.06
PA NAP C . 5.40 -13.14 -17.50
O1A NAP C . 5.90 -11.79 -18.00
O2A NAP C . 4.77 -14.09 -18.49
O5B NAP C . 6.64 -13.88 -16.78
C5B NAP C . 6.46 -14.96 -15.87
C4B NAP C . 7.77 -15.21 -15.12
O4B NAP C . 7.55 -16.39 -14.35
C3B NAP C . 8.96 -15.49 -16.06
O3B NAP C . 10.20 -14.98 -15.52
C2B NAP C . 9.04 -17.01 -16.10
O2B NAP C . 10.39 -17.46 -16.28
C1B NAP C . 8.44 -17.43 -14.76
N9A NAP C . 7.74 -18.73 -14.92
C8A NAP C . 6.67 -19.00 -15.71
N7A NAP C . 6.33 -20.30 -15.62
C5A NAP C . 7.18 -20.91 -14.76
C6A NAP C . 7.42 -22.28 -14.21
N6A NAP C . 6.63 -23.34 -14.56
N1A NAP C . 8.43 -22.45 -13.33
C2A NAP C . 9.24 -21.41 -12.97
N3A NAP C . 9.10 -20.14 -13.43
C4A NAP C . 8.12 -19.84 -14.31
O3 NAP C . 4.36 -12.94 -16.27
PN NAP C . 3.82 -11.48 -15.78
O1N NAP C . 2.70 -10.99 -16.69
O2N NAP C . 4.99 -10.57 -15.46
O5D NAP C . 3.13 -11.86 -14.36
C5D NAP C . 3.85 -11.95 -13.14
C4D NAP C . 2.86 -12.21 -11.99
O4D NAP C . 1.80 -11.23 -12.02
C3D NAP C . 2.14 -13.54 -12.11
O3D NAP C . 1.88 -13.99 -10.78
C2D NAP C . 0.81 -13.23 -12.80
O2D NAP C . -0.21 -14.19 -12.48
C1D NAP C . 0.50 -11.86 -12.18
N1N NAP C . -0.44 -11.02 -12.94
C2N NAP C . -0.17 -10.55 -14.19
C3N NAP C . -1.08 -9.75 -14.87
C7N NAP C . -0.81 -9.22 -16.25
O7N NAP C . -1.70 -8.58 -16.80
N7N NAP C . 0.38 -9.43 -16.82
C4N NAP C . -2.29 -9.41 -14.24
C5N NAP C . -2.56 -9.89 -12.96
C6N NAP C . -1.60 -10.70 -12.32
P2B NAP C . 11.02 -17.61 -17.78
O1X NAP C . 11.33 -16.18 -18.20
O2X NAP C . 12.24 -18.50 -17.60
O3X NAP C . 9.91 -18.22 -18.59
PA NAP D . -5.03 13.04 17.27
O1A NAP D . -3.69 12.56 17.78
O2A NAP D . -6.23 13.26 18.17
O5B NAP D . -4.82 14.39 16.41
C5B NAP D . -5.98 14.91 15.74
C4B NAP D . -5.55 16.01 14.78
O4B NAP D . -6.76 16.44 14.12
C3B NAP D . -4.98 17.20 15.54
O3B NAP D . -4.03 17.88 14.72
C2B NAP D . -6.20 18.11 15.71
O2B NAP D . -5.85 19.51 15.81
C1B NAP D . -6.98 17.82 14.44
N9A NAP D . -8.41 18.09 14.71
C8A NAP D . -9.18 17.42 15.59
N7A NAP D . -10.43 17.94 15.60
C5A NAP D . -10.47 18.97 14.72
C6A NAP D . -11.47 19.95 14.25
N6A NAP D . -12.74 19.96 14.74
N1A NAP D . -11.10 20.86 13.31
C2A NAP D . -9.85 20.88 12.83
N3A NAP D . -8.88 20.01 13.21
C4A NAP D . -9.12 19.05 14.13
O3 NAP D . -5.57 12.06 16.08
PN NAP D . -4.87 10.70 15.60
O1N NAP D . -5.16 9.67 16.68
O2N NAP D . -3.44 10.93 15.13
O5D NAP D . -5.81 10.36 14.33
C5D NAP D . -5.60 10.90 13.02
C4D NAP D . -6.51 10.12 12.07
O4D NAP D . -6.33 8.70 12.23
C3D NAP D . -7.98 10.37 12.38
O3D NAP D . -8.67 10.46 11.12
C2D NAP D . -8.45 9.13 13.13
O2D NAP D . -9.87 8.98 13.02
C1D NAP D . -7.62 8.06 12.44
N1N NAP D . -7.45 6.82 13.21
C2N NAP D . -6.79 6.86 14.39
C3N NAP D . -6.61 5.70 15.14
C7N NAP D . -5.87 5.71 16.45
O7N NAP D . -5.82 4.66 17.08
N7N NAP D . -5.27 6.81 16.90
C4N NAP D . -7.13 4.49 14.67
C5N NAP D . -7.80 4.49 13.46
C6N NAP D . -7.96 5.67 12.74
P2B NAP D . -5.38 20.21 17.21
O1X NAP D . -3.97 19.71 17.47
O2X NAP D . -5.42 21.69 16.88
O3X NAP D . -6.35 19.75 18.26
O2 UNL E . -9.88 5.25 16.49
C UNL E . -9.95 4.13 15.91
O1 UNL E . -10.33 4.02 14.72
C1 UNL E . -9.58 2.86 16.65
C6 UNL E . -9.52 2.82 18.04
C5 UNL E . -9.20 1.62 18.68
C4 UNL E . -8.95 0.48 17.92
C3 UNL E . -9.02 0.51 16.53
C2 UNL E . -9.33 1.71 15.89
#